data_6WIY
#
_entry.id   6WIY
#
_cell.length_a   60.909
_cell.length_b   79.092
_cell.length_c   107.645
_cell.angle_alpha   90.000
_cell.angle_beta   90.000
_cell.angle_gamma   90.000
#
_symmetry.space_group_name_H-M   'P 2 21 21'
#
loop_
_entity.id
_entity.type
_entity.pdbx_description
1 polymer 'Fab 54-1G05 heavy chain'
2 polymer 'Fab 54-1G05 light chain'
3 non-polymer GLYCEROL
4 water water
#
loop_
_entity_poly.entity_id
_entity_poly.type
_entity_poly.pdbx_seq_one_letter_code
_entity_poly.pdbx_strand_id
1 'polypeptide(L)'
;QVQLQQSGPRLVKPSQTLSLTCAISGDSVSSSSAVWTWIRQSPSRGLEWLGRTYYRSKWYDDYAVSVQGRITINPDTSKN
QISLQLNSVTPDDTAVYYCARSSINIFGVFVMAMDVWGQGTAVTVSSPSTKGPSVFPLAPSSKSTSGGTAALGCLVKDYF
PEPVTVSWNSGALTSGVHTFPAVLQSSGLYSLSSVVTVPSSSLGTQTYICNVNHKPSNTKVDKRVEPKSCKSC
;
H
2 'polypeptide(L)'
;EIVLTQSPGTLSLSPGERVTLSCRASQTVYNSYLAWYQQKPGQAPTLLIYGTSTRATGVPDRFSGSGSGTVFTLTISRLE
PEDFAVYFCQQYSTSPRALTFGGGTKVEIKRTVAAPSVFIFPPSDEQLKSGTASVVCLLNNFYPREAKVQWKVDNALQSG
NSQESVTEQDSKDSTYSLSSTLTLSKADYEKHKVYACEVTHQGLSSPVTKSFNRGECC
;
L
#
# COMPACT_ATOMS: atom_id res chain seq x y z
N GLN A 1 15.91 18.10 7.11
CA GLN A 1 16.33 16.85 7.73
C GLN A 1 16.94 15.88 6.73
N VAL A 2 16.76 14.59 6.99
CA VAL A 2 17.26 13.53 6.12
C VAL A 2 16.11 12.95 5.31
N GLN A 3 16.26 12.96 4.00
CA GLN A 3 15.28 12.40 3.10
C GLN A 3 15.97 11.54 2.06
N LEU A 4 15.35 10.40 1.74
CA LEU A 4 15.85 9.49 0.73
C LEU A 4 14.85 9.42 -0.40
N GLN A 5 15.27 9.83 -1.60
CA GLN A 5 14.39 9.95 -2.76
C GLN A 5 14.76 8.87 -3.77
N GLN A 6 13.86 7.92 -4.00
CA GLN A 6 14.10 6.76 -4.85
C GLN A 6 13.55 6.96 -6.25
N SER A 7 14.05 6.12 -7.17
CA SER A 7 13.49 5.99 -8.51
C SER A 7 11.98 5.79 -8.48
N GLY A 8 11.32 6.26 -9.54
CA GLY A 8 9.95 5.90 -9.76
C GLY A 8 9.81 4.42 -10.09
N PRO A 9 8.56 3.99 -10.27
CA PRO A 9 8.31 2.56 -10.52
C PRO A 9 9.03 2.06 -11.77
N ARG A 10 9.38 0.78 -11.76
CA ARG A 10 10.12 0.20 -12.86
C ARG A 10 9.47 -1.10 -13.33
N LEU A 11 9.41 -1.26 -14.64
CA LEU A 11 9.07 -2.50 -15.30
C LEU A 11 10.34 -3.08 -15.89
N VAL A 12 10.65 -4.34 -15.55
CA VAL A 12 11.87 -5.00 -15.99
C VAL A 12 11.48 -6.33 -16.63
N LYS A 13 12.03 -6.63 -17.79
CA LYS A 13 11.75 -7.90 -18.42
C LYS A 13 12.48 -9.03 -17.71
N PRO A 14 11.89 -10.21 -17.65
CA PRO A 14 12.59 -11.37 -17.08
C PRO A 14 13.93 -11.58 -17.75
N SER A 15 14.93 -11.94 -16.95
CA SER A 15 16.31 -12.22 -17.32
C SER A 15 17.14 -10.95 -17.45
N GLN A 16 16.53 -9.75 -17.38
CA GLN A 16 17.25 -8.49 -17.57
C GLN A 16 17.63 -7.89 -16.21
N THR A 17 18.11 -6.65 -16.21
CA THR A 17 18.70 -6.06 -15.01
C THR A 17 17.82 -4.96 -14.45
N LEU A 18 17.57 -5.02 -13.14
CA LEU A 18 16.93 -3.95 -12.39
C LEU A 18 17.98 -2.95 -11.92
N SER A 19 17.75 -1.66 -12.19
CA SER A 19 18.65 -0.59 -11.75
C SER A 19 17.83 0.46 -11.01
N LEU A 20 18.17 0.72 -9.74
CA LEU A 20 17.47 1.73 -8.94
C LEU A 20 18.46 2.70 -8.34
N THR A 21 17.98 3.90 -7.99
N THR A 21 17.96 3.89 -7.99
CA THR A 21 18.81 4.89 -7.34
CA THR A 21 18.72 4.94 -7.37
C THR A 21 18.09 5.46 -6.13
C THR A 21 18.07 5.35 -6.06
N CYS A 22 18.88 5.87 -5.14
CA CYS A 22 18.41 6.40 -3.87
C CYS A 22 19.23 7.66 -3.62
N ALA A 23 18.63 8.83 -3.82
CA ALA A 23 19.32 10.10 -3.66
C ALA A 23 19.15 10.60 -2.23
N ILE A 24 20.27 10.93 -1.59
CA ILE A 24 20.30 11.27 -0.16
C ILE A 24 20.37 12.78 0.00
N SER A 25 19.51 13.33 0.85
N SER A 25 19.52 13.34 0.85
CA SER A 25 19.60 14.71 1.29
CA SER A 25 19.68 14.72 1.27
C SER A 25 19.71 14.75 2.80
C SER A 25 19.66 14.80 2.78
N GLY A 26 20.50 15.69 3.32
CA GLY A 26 20.63 15.88 4.75
C GLY A 26 21.65 14.98 5.41
N ASP A 27 22.38 14.19 4.63
CA ASP A 27 23.50 13.42 5.15
C ASP A 27 24.47 13.24 3.99
N SER A 28 25.69 12.83 4.31
CA SER A 28 26.67 12.48 3.31
C SER A 28 26.67 10.97 3.10
N VAL A 29 26.65 10.53 1.84
CA VAL A 29 26.70 9.09 1.57
C VAL A 29 27.98 8.48 2.12
N SER A 30 29.06 9.26 2.23
CA SER A 30 30.34 8.73 2.70
C SER A 30 30.52 8.92 4.20
N SER A 31 29.46 9.30 4.92
CA SER A 31 29.53 9.50 6.36
C SER A 31 30.01 8.24 7.07
N SER A 32 31.04 8.39 7.92
CA SER A 32 31.47 7.27 8.74
C SER A 32 30.49 6.95 9.86
N SER A 33 29.41 7.74 10.01
CA SER A 33 28.39 7.47 11.00
C SER A 33 27.13 6.83 10.42
N ALA A 34 27.15 6.46 9.13
CA ALA A 34 25.97 5.94 8.48
C ALA A 34 26.27 4.61 7.82
N VAL A 35 25.21 3.82 7.65
CA VAL A 35 25.19 2.64 6.79
C VAL A 35 23.95 2.76 5.91
N TRP A 36 24.10 2.43 4.63
CA TRP A 36 23.04 2.53 3.65
C TRP A 36 22.66 1.14 3.19
N THR A 37 21.35 0.86 3.18
N THR A 37 21.35 0.88 3.11
CA THR A 37 20.89 -0.49 2.87
CA THR A 37 20.88 -0.48 2.91
C THR A 37 19.81 -0.45 1.79
C THR A 37 19.70 -0.51 1.94
N TRP A 38 19.60 -1.63 1.20
CA TRP A 38 18.44 -1.89 0.37
C TRP A 38 17.68 -3.07 0.96
N ILE A 39 16.35 -2.92 1.01
CA ILE A 39 15.44 -3.92 1.56
C ILE A 39 14.27 -4.00 0.60
N ARG A 40 13.73 -5.19 0.38
CA ARG A 40 12.54 -5.26 -0.46
C ARG A 40 11.41 -5.94 0.29
N GLN A 41 10.20 -5.72 -0.22
CA GLN A 41 8.99 -6.26 0.40
C GLN A 41 8.07 -6.84 -0.66
N SER A 42 7.68 -8.09 -0.50
CA SER A 42 6.66 -8.65 -1.37
C SER A 42 5.55 -9.26 -0.54
N PRO A 43 4.32 -9.35 -1.09
CA PRO A 43 3.24 -9.99 -0.33
C PRO A 43 3.54 -11.43 0.00
N SER A 44 4.22 -12.16 -0.89
CA SER A 44 4.44 -13.59 -0.70
C SER A 44 5.57 -13.85 0.30
N ARG A 45 6.64 -13.07 0.24
CA ARG A 45 7.84 -13.35 1.03
C ARG A 45 8.10 -12.33 2.14
N GLY A 46 7.44 -11.19 2.13
CA GLY A 46 7.63 -10.23 3.22
C GLY A 46 8.86 -9.37 3.03
N LEU A 47 9.38 -8.88 4.16
N LEU A 47 9.43 -8.94 4.16
CA LEU A 47 10.56 -8.04 4.15
CA LEU A 47 10.55 -8.01 4.14
C LEU A 47 11.81 -8.88 4.00
C LEU A 47 11.86 -8.80 4.08
N GLU A 48 12.71 -8.44 3.12
CA GLU A 48 13.97 -9.14 2.88
C GLU A 48 15.09 -8.13 2.73
N TRP A 49 16.14 -8.30 3.54
CA TRP A 49 17.33 -7.49 3.40
C TRP A 49 18.12 -7.93 2.17
N LEU A 50 18.60 -6.96 1.39
CA LEU A 50 19.39 -7.28 0.20
C LEU A 50 20.88 -6.99 0.37
N GLY A 51 21.24 -5.90 1.04
CA GLY A 51 22.66 -5.58 1.17
C GLY A 51 22.84 -4.18 1.71
N ARG A 52 24.10 -3.84 1.96
CA ARG A 52 24.43 -2.54 2.54
C ARG A 52 25.76 -2.07 1.99
N THR A 53 25.95 -0.75 2.00
CA THR A 53 27.25 -0.17 1.65
C THR A 53 27.55 0.93 2.65
N TYR A 54 28.83 1.16 2.90
CA TYR A 54 29.23 2.15 3.88
C TYR A 54 30.70 2.48 3.67
N TYR A 55 31.10 3.67 4.08
CA TYR A 55 32.47 4.15 3.88
C TYR A 55 33.17 4.28 5.22
N ARG A 56 34.32 3.62 5.34
CA ARG A 56 35.18 3.72 6.52
C ARG A 56 36.60 3.76 5.98
N SER A 57 37.03 4.94 5.53
CA SER A 57 38.34 5.14 4.91
C SER A 57 38.43 4.41 3.57
N LYS A 58 37.43 3.60 3.27
CA LYS A 58 37.28 2.89 2.00
C LYS A 58 35.86 2.37 1.95
N TRP A 59 35.38 2.06 0.74
CA TRP A 59 34.02 1.56 0.58
C TRP A 59 33.93 0.06 0.82
N TYR A 60 32.86 -0.34 1.51
CA TYR A 60 32.53 -1.73 1.80
C TYR A 60 31.13 -2.04 1.31
N ASP A 61 30.93 -3.27 0.88
CA ASP A 61 29.61 -3.80 0.54
C ASP A 61 29.43 -5.13 1.27
N ASP A 62 28.22 -5.36 1.80
CA ASP A 62 27.83 -6.67 2.30
C ASP A 62 26.49 -7.01 1.66
N TYR A 63 26.36 -8.22 1.11
CA TYR A 63 25.15 -8.64 0.43
C TYR A 63 24.53 -9.86 1.13
N ALA A 64 23.22 -9.94 1.05
CA ALA A 64 22.51 -11.09 1.59
C ALA A 64 22.80 -12.35 0.78
N VAL A 65 22.86 -13.49 1.46
CA VAL A 65 23.19 -14.75 0.80
C VAL A 65 22.24 -15.02 -0.37
N SER A 66 20.97 -14.62 -0.22
CA SER A 66 19.98 -14.97 -1.22
C SER A 66 20.26 -14.33 -2.58
N VAL A 67 20.97 -13.20 -2.62
CA VAL A 67 21.19 -12.47 -3.86
C VAL A 67 22.66 -12.31 -4.19
N GLN A 68 23.57 -12.81 -3.34
CA GLN A 68 25.00 -12.72 -3.63
C GLN A 68 25.28 -13.32 -5.01
N GLY A 69 26.08 -12.60 -5.79
CA GLY A 69 26.41 -13.03 -7.13
C GLY A 69 25.61 -12.36 -8.23
N ARG A 70 24.50 -11.70 -7.88
N ARG A 70 24.50 -11.70 -7.91
CA ARG A 70 23.68 -10.99 -8.85
CA ARG A 70 23.82 -10.93 -8.94
C ARG A 70 23.22 -9.64 -8.30
C ARG A 70 23.41 -9.54 -8.47
N ILE A 71 23.98 -9.06 -7.37
CA ILE A 71 23.63 -7.77 -6.80
C ILE A 71 24.88 -6.91 -6.66
N THR A 72 24.72 -5.60 -6.91
N THR A 72 24.71 -5.62 -6.96
CA THR A 72 25.78 -4.62 -6.69
CA THR A 72 25.72 -4.60 -6.72
C THR A 72 25.17 -3.33 -6.18
C THR A 72 25.04 -3.42 -6.05
N ILE A 73 25.69 -2.83 -5.05
CA ILE A 73 25.23 -1.60 -4.41
C ILE A 73 26.37 -0.61 -4.47
N ASN A 74 26.26 0.39 -5.35
CA ASN A 74 27.37 1.31 -5.59
C ASN A 74 27.02 2.70 -5.07
N PRO A 75 27.94 3.35 -4.37
CA PRO A 75 27.74 4.76 -4.03
C PRO A 75 28.23 5.66 -5.14
N ASP A 76 27.68 6.87 -5.17
CA ASP A 76 28.13 7.93 -6.06
C ASP A 76 28.25 9.19 -5.22
N THR A 77 29.48 9.59 -4.88
CA THR A 77 29.63 10.71 -3.98
C THR A 77 29.30 12.03 -4.66
N SER A 78 29.50 12.12 -5.98
CA SER A 78 29.21 13.37 -6.67
C SER A 78 27.72 13.65 -6.71
N LYS A 79 26.89 12.61 -6.81
CA LYS A 79 25.44 12.72 -6.76
C LYS A 79 24.89 12.52 -5.35
N ASN A 80 25.73 12.10 -4.40
CA ASN A 80 25.31 11.77 -3.04
C ASN A 80 24.14 10.78 -3.05
N GLN A 81 24.39 9.63 -3.65
CA GLN A 81 23.35 8.63 -3.81
C GLN A 81 23.95 7.24 -3.68
N ILE A 82 23.08 6.25 -3.50
CA ILE A 82 23.47 4.85 -3.70
C ILE A 82 22.58 4.27 -4.77
N SER A 83 23.09 3.23 -5.42
N SER A 83 23.09 3.24 -5.43
CA SER A 83 22.36 2.55 -6.49
CA SER A 83 22.33 2.54 -6.45
C SER A 83 22.27 1.06 -6.20
C SER A 83 22.11 1.09 -6.00
N LEU A 84 21.23 0.43 -6.74
CA LEU A 84 21.02 -1.01 -6.65
C LEU A 84 21.01 -1.53 -8.07
N GLN A 85 21.83 -2.55 -8.36
CA GLN A 85 21.73 -3.31 -9.60
C GLN A 85 21.44 -4.75 -9.24
N LEU A 86 20.38 -5.31 -9.80
CA LEU A 86 20.03 -6.71 -9.58
C LEU A 86 19.92 -7.39 -10.93
N ASN A 87 20.81 -8.34 -11.22
CA ASN A 87 20.89 -8.99 -12.52
C ASN A 87 19.96 -10.20 -12.61
N SER A 88 19.67 -10.60 -13.85
CA SER A 88 18.98 -11.85 -14.14
C SER A 88 17.67 -11.98 -13.37
N VAL A 89 16.84 -10.95 -13.44
CA VAL A 89 15.65 -10.95 -12.59
C VAL A 89 14.64 -12.00 -13.06
N THR A 90 13.83 -12.47 -12.12
CA THR A 90 12.71 -13.36 -12.38
C THR A 90 11.48 -12.74 -11.73
N PRO A 91 10.30 -13.31 -11.97
CA PRO A 91 9.09 -12.76 -11.31
C PRO A 91 9.17 -12.76 -9.80
N ASP A 92 10.04 -13.60 -9.21
CA ASP A 92 10.23 -13.56 -7.76
C ASP A 92 10.88 -12.27 -7.29
N ASP A 93 11.43 -11.48 -8.19
CA ASP A 93 12.02 -10.19 -7.83
C ASP A 93 11.00 -9.05 -7.92
N THR A 94 9.77 -9.33 -8.32
CA THR A 94 8.72 -8.33 -8.23
C THR A 94 8.49 -7.98 -6.76
N ALA A 95 8.64 -6.71 -6.41
CA ALA A 95 8.57 -6.28 -5.01
C ALA A 95 8.61 -4.76 -4.95
N VAL A 96 8.31 -4.22 -3.78
CA VAL A 96 8.62 -2.82 -3.46
C VAL A 96 10.00 -2.78 -2.85
N TYR A 97 10.91 -2.02 -3.46
CA TYR A 97 12.29 -1.91 -3.01
C TYR A 97 12.45 -0.63 -2.22
N TYR A 98 13.04 -0.72 -1.03
CA TYR A 98 13.31 0.44 -0.18
C TYR A 98 14.80 0.62 0.03
N CYS A 99 15.25 1.87 0.00
CA CYS A 99 16.55 2.18 0.58
C CYS A 99 16.34 2.76 1.97
N ALA A 100 17.35 2.62 2.82
CA ALA A 100 17.20 3.06 4.19
C ALA A 100 18.59 3.37 4.76
N ARG A 101 18.59 4.21 5.77
CA ARG A 101 19.79 4.52 6.52
C ARG A 101 19.72 3.83 7.88
N SER A 102 20.87 3.38 8.36
CA SER A 102 21.04 3.02 9.76
C SER A 102 22.21 3.81 10.31
N SER A 103 22.01 4.49 11.43
CA SER A 103 23.10 5.23 12.06
C SER A 103 23.24 4.92 13.54
N ILE A 104 22.36 4.09 14.09
CA ILE A 104 22.36 3.85 15.53
C ILE A 104 23.52 2.92 15.87
N ASN A 105 24.37 3.37 16.78
CA ASN A 105 25.59 2.66 17.15
C ASN A 105 25.51 2.38 18.65
N ILE A 106 25.51 1.10 19.00
CA ILE A 106 25.43 0.68 20.40
C ILE A 106 26.74 -0.01 20.74
N PHE A 107 27.47 0.54 21.72
CA PHE A 107 28.75 0.01 22.16
C PHE A 107 29.69 -0.25 20.98
N GLY A 108 29.70 0.69 20.03
CA GLY A 108 30.61 0.64 18.92
C GLY A 108 30.18 -0.18 17.72
N VAL A 109 28.97 -0.78 17.76
CA VAL A 109 28.48 -1.60 16.67
C VAL A 109 27.27 -0.92 16.04
N PHE A 110 27.26 -0.83 14.72
CA PHE A 110 26.04 -0.41 14.02
C PHE A 110 25.06 -1.58 14.06
N VAL A 111 24.00 -1.43 14.88
CA VAL A 111 23.09 -2.55 15.12
C VAL A 111 22.09 -2.76 14.00
N MET A 112 22.09 -1.89 12.97
CA MET A 112 21.30 -2.08 11.76
C MET A 112 19.80 -1.98 12.02
N ALA A 113 19.40 -1.14 12.98
CA ALA A 113 18.04 -0.65 13.05
C ALA A 113 17.90 0.53 12.10
N MET A 114 16.90 0.49 11.23
CA MET A 114 16.82 1.45 10.13
C MET A 114 15.99 2.66 10.55
N ASP A 115 16.64 3.84 10.58
CA ASP A 115 16.05 5.03 11.16
C ASP A 115 15.47 6.00 10.13
N VAL A 116 15.81 5.87 8.85
CA VAL A 116 15.29 6.72 7.79
C VAL A 116 15.05 5.86 6.58
N TRP A 117 13.86 5.97 5.97
CA TRP A 117 13.52 5.14 4.82
C TRP A 117 13.16 5.99 3.61
N GLY A 118 13.52 5.50 2.43
CA GLY A 118 12.99 6.03 1.20
C GLY A 118 11.50 5.69 1.06
N GLN A 119 10.90 6.23 0.00
CA GLN A 119 9.47 6.08 -0.19
C GLN A 119 9.07 4.74 -0.80
N GLY A 120 10.03 3.95 -1.27
CA GLY A 120 9.77 2.69 -1.95
C GLY A 120 9.67 2.86 -3.46
N THR A 121 10.12 1.82 -4.17
CA THR A 121 10.03 1.75 -5.63
C THR A 121 9.32 0.46 -5.99
N ALA A 122 8.17 0.56 -6.66
CA ALA A 122 7.42 -0.62 -7.05
C ALA A 122 8.02 -1.18 -8.34
N VAL A 123 8.56 -2.39 -8.27
CA VAL A 123 9.22 -3.04 -9.39
C VAL A 123 8.39 -4.22 -9.84
N THR A 124 8.12 -4.30 -11.14
CA THR A 124 7.38 -5.42 -11.72
C THR A 124 8.28 -6.10 -12.73
N VAL A 125 8.50 -7.41 -12.55
CA VAL A 125 9.27 -8.20 -13.50
C VAL A 125 8.27 -8.96 -14.38
N SER A 126 8.15 -8.52 -15.63
CA SER A 126 7.14 -9.07 -16.54
C SER A 126 7.47 -8.65 -17.97
N SER A 127 6.96 -9.43 -18.94
CA SER A 127 7.33 -9.23 -20.34
C SER A 127 6.45 -8.25 -21.13
N PRO A 128 5.17 -8.04 -20.78
CA PRO A 128 4.34 -7.14 -21.60
C PRO A 128 4.86 -5.72 -21.57
N SER A 129 4.48 -4.97 -22.61
CA SER A 129 4.86 -3.56 -22.70
C SER A 129 3.98 -2.72 -21.77
N THR A 130 4.50 -1.56 -21.39
N THR A 130 4.52 -1.56 -21.40
CA THR A 130 3.71 -0.66 -20.56
CA THR A 130 3.72 -0.61 -20.64
C THR A 130 2.60 -0.02 -21.38
C THR A 130 2.51 -0.18 -21.45
N LYS A 131 1.45 0.17 -20.74
CA LYS A 131 0.25 0.71 -21.38
C LYS A 131 -0.39 1.69 -20.40
N GLY A 132 -0.69 2.90 -20.86
CA GLY A 132 -1.29 3.90 -20.02
C GLY A 132 -2.79 3.71 -19.89
N PRO A 133 -3.36 4.23 -18.81
CA PRO A 133 -4.80 4.03 -18.56
C PRO A 133 -5.69 4.97 -19.36
N SER A 134 -6.93 4.53 -19.56
CA SER A 134 -8.03 5.42 -19.87
C SER A 134 -8.68 5.85 -18.57
N VAL A 135 -9.16 7.09 -18.51
CA VAL A 135 -9.73 7.61 -17.28
C VAL A 135 -11.16 8.05 -17.55
N PHE A 136 -12.11 7.44 -16.84
CA PHE A 136 -13.50 7.77 -17.07
C PHE A 136 -14.14 8.33 -15.79
N PRO A 137 -15.04 9.28 -15.92
CA PRO A 137 -15.68 9.83 -14.73
C PRO A 137 -16.71 8.87 -14.14
N LEU A 138 -16.77 8.85 -12.81
CA LEU A 138 -17.87 8.23 -12.06
C LEU A 138 -18.76 9.36 -11.54
N ALA A 139 -19.82 9.68 -12.28
CA ALA A 139 -20.67 10.80 -11.91
C ALA A 139 -21.91 10.31 -11.16
N PRO A 140 -22.20 10.89 -10.00
CA PRO A 140 -23.39 10.49 -9.25
C PRO A 140 -24.65 11.04 -9.88
N SER A 141 -25.73 10.25 -9.83
CA SER A 141 -27.01 10.70 -10.36
C SER A 141 -27.48 11.95 -9.63
N SER A 142 -28.55 12.55 -10.15
CA SER A 142 -29.16 13.67 -9.47
C SER A 142 -29.80 13.24 -8.16
N LYS A 143 -30.54 12.14 -8.18
CA LYS A 143 -31.26 11.71 -6.97
C LYS A 143 -30.30 11.33 -5.85
N SER A 144 -29.22 10.61 -6.19
CA SER A 144 -28.29 10.14 -5.16
C SER A 144 -27.72 11.29 -4.35
N THR A 145 -27.65 12.48 -4.95
CA THR A 145 -27.15 13.67 -4.27
C THR A 145 -28.26 14.45 -3.59
N SER A 146 -29.52 14.01 -3.71
CA SER A 146 -30.62 14.70 -3.03
C SER A 146 -30.40 14.72 -1.52
N GLY A 147 -29.74 13.71 -0.97
CA GLY A 147 -29.26 13.79 0.38
C GLY A 147 -28.14 14.81 0.48
N GLY A 148 -27.51 14.84 1.65
CA GLY A 148 -26.45 15.82 1.85
C GLY A 148 -25.16 15.49 1.11
N THR A 149 -24.99 14.25 0.66
CA THR A 149 -23.70 13.74 0.24
C THR A 149 -23.70 13.33 -1.23
N ALA A 150 -22.68 13.77 -1.95
CA ALA A 150 -22.47 13.38 -3.35
C ALA A 150 -21.22 12.53 -3.43
N ALA A 151 -21.34 11.36 -4.07
CA ALA A 151 -20.20 10.51 -4.33
C ALA A 151 -19.74 10.71 -5.77
N LEU A 152 -18.45 11.00 -5.94
CA LEU A 152 -17.84 11.24 -7.25
C LEU A 152 -16.62 10.33 -7.37
N GLY A 153 -16.21 10.06 -8.60
CA GLY A 153 -14.97 9.30 -8.71
C GLY A 153 -14.43 9.27 -10.11
N CYS A 154 -13.35 8.51 -10.27
CA CYS A 154 -12.73 8.23 -11.56
C CYS A 154 -12.44 6.75 -11.67
N LEU A 155 -12.74 6.19 -12.84
CA LEU A 155 -12.36 4.82 -13.17
C LEU A 155 -11.10 4.84 -14.03
N VAL A 156 -10.04 4.20 -13.55
CA VAL A 156 -8.72 4.22 -14.17
C VAL A 156 -8.50 2.83 -14.74
N LYS A 157 -8.66 2.69 -16.06
CA LYS A 157 -8.87 1.37 -16.67
C LYS A 157 -7.81 1.04 -17.71
N ASP A 158 -7.40 -0.23 -17.74
CA ASP A 158 -6.60 -0.82 -18.81
C ASP A 158 -5.17 -0.30 -18.83
N TYR A 159 -4.48 -0.40 -17.70
CA TYR A 159 -3.09 0.02 -17.64
C TYR A 159 -2.20 -1.13 -17.19
N PHE A 160 -0.89 -0.98 -17.46
CA PHE A 160 0.11 -1.95 -17.07
C PHE A 160 1.48 -1.29 -17.04
N PRO A 161 2.32 -1.56 -16.03
CA PRO A 161 2.09 -2.32 -14.80
C PRO A 161 1.46 -1.42 -13.76
N GLU A 162 1.24 -1.95 -12.56
CA GLU A 162 1.03 -1.08 -11.41
C GLU A 162 2.33 -0.33 -11.14
N PRO A 163 2.28 0.79 -10.42
CA PRO A 163 1.10 1.42 -9.82
C PRO A 163 0.62 2.64 -10.60
N VAL A 164 -0.52 3.17 -10.19
N VAL A 164 -0.48 3.23 -10.14
CA VAL A 164 -0.96 4.50 -10.59
CA VAL A 164 -0.95 4.51 -10.64
C VAL A 164 -1.10 5.32 -9.32
C VAL A 164 -1.35 5.35 -9.44
N THR A 165 -0.97 6.63 -9.46
CA THR A 165 -1.30 7.55 -8.38
C THR A 165 -2.54 8.33 -8.78
N VAL A 166 -3.43 8.52 -7.83
CA VAL A 166 -4.62 9.35 -8.02
C VAL A 166 -4.66 10.37 -6.90
N SER A 167 -4.77 11.64 -7.28
CA SER A 167 -5.08 12.69 -6.33
C SER A 167 -6.35 13.39 -6.79
N TRP A 168 -6.88 14.24 -5.92
CA TRP A 168 -8.08 15.01 -6.22
C TRP A 168 -7.78 16.49 -6.03
N ASN A 169 -8.16 17.31 -7.00
CA ASN A 169 -7.95 18.76 -6.96
C ASN A 169 -6.48 19.07 -6.66
N SER A 170 -5.58 18.36 -7.34
CA SER A 170 -4.15 18.60 -7.24
C SER A 170 -3.66 18.45 -5.80
N GLY A 171 -4.27 17.53 -5.06
CA GLY A 171 -3.92 17.27 -3.69
C GLY A 171 -4.63 18.12 -2.65
N ALA A 172 -5.44 19.08 -3.08
CA ALA A 172 -6.16 19.93 -2.14
C ALA A 172 -7.31 19.19 -1.45
N LEU A 173 -7.82 18.14 -2.06
CA LEU A 173 -8.95 17.38 -1.52
C LEU A 173 -8.45 16.01 -1.11
N THR A 174 -8.40 15.77 0.20
CA THR A 174 -7.98 14.47 0.73
C THR A 174 -9.02 13.82 1.62
N SER A 175 -9.84 14.59 2.33
N SER A 175 -9.85 14.61 2.30
CA SER A 175 -10.81 14.02 3.24
CA SER A 175 -10.86 14.06 3.19
C SER A 175 -11.92 13.32 2.45
C SER A 175 -11.90 13.29 2.40
N GLY A 176 -12.22 12.08 2.85
CA GLY A 176 -13.23 11.28 2.19
C GLY A 176 -12.80 10.63 0.89
N VAL A 177 -11.54 10.72 0.51
CA VAL A 177 -11.02 10.03 -0.67
C VAL A 177 -10.78 8.57 -0.32
N HIS A 178 -11.22 7.67 -1.21
CA HIS A 178 -10.86 6.25 -1.15
C HIS A 178 -10.38 5.81 -2.51
N THR A 179 -9.12 5.40 -2.60
CA THR A 179 -8.59 4.83 -3.84
C THR A 179 -8.38 3.34 -3.61
N PHE A 180 -9.04 2.53 -4.42
CA PHE A 180 -9.15 1.11 -4.18
C PHE A 180 -7.99 0.33 -4.78
N PRO A 181 -7.69 -0.84 -4.23
CA PRO A 181 -6.72 -1.73 -4.89
C PRO A 181 -7.14 -2.03 -6.31
N ALA A 182 -6.15 -2.10 -7.21
CA ALA A 182 -6.46 -2.44 -8.59
C ALA A 182 -6.82 -3.92 -8.69
N VAL A 183 -7.58 -4.26 -9.72
CA VAL A 183 -7.85 -5.66 -10.03
C VAL A 183 -7.27 -5.95 -11.40
N LEU A 184 -6.83 -7.19 -11.59
CA LEU A 184 -6.25 -7.61 -12.85
C LEU A 184 -7.35 -8.24 -13.71
N GLN A 185 -7.57 -7.68 -14.90
CA GLN A 185 -8.59 -8.16 -15.83
C GLN A 185 -8.07 -9.32 -16.67
N SER A 186 -9.00 -10.01 -17.35
CA SER A 186 -8.62 -11.16 -18.16
C SER A 186 -7.68 -10.77 -19.29
N SER A 187 -7.68 -9.49 -19.68
CA SER A 187 -6.75 -8.94 -20.66
C SER A 187 -5.31 -8.85 -20.16
N GLY A 188 -5.08 -9.00 -18.86
CA GLY A 188 -3.76 -8.77 -18.31
C GLY A 188 -3.49 -7.33 -17.98
N LEU A 189 -4.51 -6.46 -18.07
CA LEU A 189 -4.42 -5.05 -17.73
C LEU A 189 -5.18 -4.80 -16.44
N TYR A 190 -4.71 -3.81 -15.68
CA TYR A 190 -5.28 -3.45 -14.39
C TYR A 190 -6.40 -2.43 -14.54
N SER A 191 -7.30 -2.43 -13.55
CA SER A 191 -8.38 -1.46 -13.46
C SER A 191 -8.57 -1.07 -12.01
N LEU A 192 -8.76 0.24 -11.78
CA LEU A 192 -8.82 0.79 -10.44
C LEU A 192 -9.85 1.91 -10.41
N SER A 193 -10.47 2.11 -9.26
N SER A 193 -10.48 2.10 -9.26
CA SER A 193 -11.37 3.25 -9.06
CA SER A 193 -11.36 3.23 -9.04
C SER A 193 -10.95 4.06 -7.84
C SER A 193 -10.86 4.08 -7.87
N SER A 194 -11.19 5.37 -7.93
CA SER A 194 -10.93 6.30 -6.84
C SER A 194 -12.19 7.14 -6.67
N VAL A 195 -12.66 7.27 -5.42
CA VAL A 195 -13.90 7.99 -5.15
C VAL A 195 -13.68 8.98 -4.01
N VAL A 196 -14.59 9.93 -3.92
CA VAL A 196 -14.62 10.88 -2.81
C VAL A 196 -16.06 11.31 -2.59
N THR A 197 -16.44 11.46 -1.32
CA THR A 197 -17.75 11.99 -0.98
C THR A 197 -17.60 13.44 -0.57
N VAL A 198 -18.51 14.28 -1.07
CA VAL A 198 -18.46 15.73 -0.87
C VAL A 198 -19.87 16.24 -0.65
N PRO A 199 -20.01 17.45 -0.12
CA PRO A 199 -21.35 18.00 0.09
C PRO A 199 -22.03 18.29 -1.23
N SER A 200 -23.29 17.85 -1.35
CA SER A 200 -24.05 18.10 -2.57
C SER A 200 -24.20 19.59 -2.84
N SER A 201 -24.25 20.40 -1.79
CA SER A 201 -24.39 21.85 -1.96
C SER A 201 -23.17 22.49 -2.61
N SER A 202 -22.09 21.74 -2.83
CA SER A 202 -20.91 22.27 -3.50
C SER A 202 -20.88 21.99 -4.99
N LEU A 203 -21.71 21.04 -5.47
CA LEU A 203 -21.59 20.56 -6.83
C LEU A 203 -21.73 21.66 -7.88
N GLY A 204 -22.30 22.80 -7.51
CA GLY A 204 -22.45 23.90 -8.44
C GLY A 204 -21.35 24.93 -8.30
N THR A 205 -20.80 25.05 -7.09
CA THR A 205 -19.79 26.06 -6.79
C THR A 205 -18.36 25.54 -6.82
N GLN A 206 -18.16 24.23 -6.68
CA GLN A 206 -16.82 23.66 -6.54
C GLN A 206 -16.56 22.68 -7.68
N THR A 207 -15.36 22.76 -8.26
N THR A 207 -15.38 22.81 -8.30
CA THR A 207 -14.95 21.87 -9.35
CA THR A 207 -14.94 21.85 -9.30
C THR A 207 -14.11 20.73 -8.79
C THR A 207 -14.24 20.68 -8.64
N TYR A 208 -14.40 19.50 -9.22
CA TYR A 208 -13.73 18.30 -8.73
C TYR A 208 -12.99 17.64 -9.89
N ILE A 209 -11.68 17.48 -9.72
CA ILE A 209 -10.81 16.94 -10.75
C ILE A 209 -9.97 15.83 -10.14
N CYS A 210 -9.98 14.66 -10.76
CA CYS A 210 -9.08 13.59 -10.36
C CYS A 210 -7.82 13.67 -11.21
N ASN A 211 -6.67 13.62 -10.55
CA ASN A 211 -5.38 13.73 -11.21
C ASN A 211 -4.75 12.35 -11.20
N VAL A 212 -4.63 11.75 -12.38
CA VAL A 212 -4.14 10.37 -12.54
C VAL A 212 -2.76 10.43 -13.15
N ASN A 213 -1.81 9.74 -12.53
CA ASN A 213 -0.44 9.67 -13.05
C ASN A 213 -0.02 8.22 -13.12
N HIS A 214 0.28 7.75 -14.31
CA HIS A 214 0.83 6.40 -14.53
C HIS A 214 2.27 6.61 -15.02
N LYS A 215 3.21 6.61 -14.08
CA LYS A 215 4.58 6.95 -14.43
C LYS A 215 5.22 6.01 -15.44
N PRO A 216 5.00 4.70 -15.40
CA PRO A 216 5.71 3.83 -16.35
C PRO A 216 5.44 4.15 -17.81
N SER A 217 4.25 4.68 -18.12
CA SER A 217 3.89 5.06 -19.48
C SER A 217 3.93 6.56 -19.70
N ASN A 218 4.32 7.33 -18.69
CA ASN A 218 4.32 8.79 -18.76
C ASN A 218 2.95 9.33 -19.13
N THR A 219 1.91 8.72 -18.59
CA THR A 219 0.53 9.15 -18.82
C THR A 219 0.07 9.98 -17.64
N LYS A 220 -0.34 11.21 -17.90
CA LYS A 220 -0.97 12.06 -16.90
C LYS A 220 -2.31 12.54 -17.44
N VAL A 221 -3.36 12.35 -16.65
CA VAL A 221 -4.72 12.74 -17.04
C VAL A 221 -5.36 13.49 -15.89
N ASP A 222 -5.95 14.64 -16.19
CA ASP A 222 -6.77 15.40 -15.25
C ASP A 222 -8.21 15.37 -15.78
N LYS A 223 -9.08 14.66 -15.09
CA LYS A 223 -10.47 14.48 -15.51
C LYS A 223 -11.38 15.25 -14.57
N ARG A 224 -12.10 16.23 -15.10
CA ARG A 224 -13.13 16.89 -14.32
C ARG A 224 -14.35 15.98 -14.22
N VAL A 225 -14.91 15.87 -13.02
CA VAL A 225 -16.05 15.00 -12.74
C VAL A 225 -17.22 15.88 -12.34
N GLU A 226 -18.24 15.90 -13.20
CA GLU A 226 -19.41 16.75 -13.01
C GLU A 226 -20.66 15.88 -12.90
N PRO A 227 -21.36 15.86 -11.76
CA PRO A 227 -22.63 15.13 -11.66
C PRO A 227 -23.70 15.71 -12.58
N GLU B 1 21.16 -19.02 9.85
CA GLU B 1 20.26 -17.92 9.51
C GLU B 1 19.07 -17.89 10.46
N ILE B 2 18.97 -16.84 11.26
CA ILE B 2 17.96 -16.77 12.31
C ILE B 2 16.60 -16.46 11.70
N VAL B 3 15.59 -17.25 12.04
CA VAL B 3 14.23 -17.05 11.60
C VAL B 3 13.44 -16.43 12.75
N LEU B 4 12.69 -15.36 12.46
CA LEU B 4 11.83 -14.72 13.45
C LEU B 4 10.38 -15.07 13.12
N THR B 5 9.68 -15.61 14.11
CA THR B 5 8.29 -16.05 13.94
C THR B 5 7.40 -15.15 14.80
N GLN B 6 6.48 -14.44 14.17
CA GLN B 6 5.61 -13.53 14.89
C GLN B 6 4.24 -14.16 15.11
N SER B 7 3.67 -13.90 16.28
CA SER B 7 2.35 -14.42 16.60
C SER B 7 1.63 -13.37 17.44
N PRO B 8 0.31 -13.28 17.31
CA PRO B 8 -0.50 -13.96 16.28
C PRO B 8 -0.27 -13.32 14.90
N GLY B 9 -0.81 -13.89 13.82
CA GLY B 9 -0.64 -13.25 12.52
C GLY B 9 -1.51 -12.01 12.37
N THR B 10 -2.72 -12.06 12.93
N THR B 10 -2.73 -12.08 12.89
CA THR B 10 -3.65 -10.93 12.89
CA THR B 10 -3.62 -10.93 12.93
C THR B 10 -4.39 -10.87 14.22
C THR B 10 -4.22 -10.84 14.32
N LEU B 11 -4.68 -9.65 14.66
CA LEU B 11 -5.34 -9.38 15.92
C LEU B 11 -6.42 -8.35 15.63
N SER B 12 -7.59 -8.50 16.27
CA SER B 12 -8.63 -7.46 16.16
C SER B 12 -9.05 -7.09 17.57
N LEU B 13 -8.79 -5.82 17.94
CA LEU B 13 -8.96 -5.37 19.31
C LEU B 13 -9.55 -3.97 19.34
N SER B 14 -10.31 -3.69 20.40
CA SER B 14 -10.93 -2.38 20.57
C SER B 14 -9.88 -1.36 21.03
N PRO B 15 -9.99 -0.10 20.60
CA PRO B 15 -9.19 0.95 21.22
C PRO B 15 -9.38 0.93 22.73
N GLY B 16 -8.30 1.29 23.43
CA GLY B 16 -8.27 1.28 24.86
C GLY B 16 -7.72 -0.01 25.45
N GLU B 17 -7.66 -1.08 24.66
CA GLU B 17 -7.20 -2.36 25.14
C GLU B 17 -5.69 -2.46 25.05
N ARG B 18 -5.14 -3.39 25.83
CA ARG B 18 -3.71 -3.69 25.77
C ARG B 18 -3.44 -4.70 24.67
N VAL B 19 -2.42 -4.43 23.84
CA VAL B 19 -2.00 -5.32 22.76
C VAL B 19 -0.64 -5.91 23.11
N THR B 20 -0.51 -7.23 22.98
CA THR B 20 0.76 -7.91 23.22
C THR B 20 1.14 -8.70 21.98
N LEU B 21 2.28 -8.35 21.37
CA LEU B 21 2.75 -8.99 20.16
C LEU B 21 4.01 -9.77 20.49
N SER B 22 4.12 -11.00 19.95
N SER B 22 4.12 -10.99 19.94
CA SER B 22 5.23 -11.87 20.26
CA SER B 22 5.23 -11.87 20.25
C SER B 22 6.11 -12.10 19.04
C SER B 22 6.12 -12.07 19.03
N CYS B 23 7.42 -12.18 19.28
CA CYS B 23 8.42 -12.46 18.24
C CYS B 23 9.36 -13.52 18.78
N ARG B 24 9.37 -14.71 18.18
CA ARG B 24 10.21 -15.82 18.61
C ARG B 24 11.34 -16.04 17.61
N ALA B 25 12.58 -16.05 18.11
CA ALA B 25 13.77 -16.25 17.29
C ALA B 25 14.20 -17.70 17.31
N SER B 26 14.68 -18.20 16.16
CA SER B 26 15.12 -19.59 16.08
C SER B 26 16.40 -19.85 16.87
N GLN B 27 17.19 -18.82 17.14
CA GLN B 27 18.29 -18.94 18.08
C GLN B 27 18.47 -17.58 18.75
N THR B 28 19.37 -17.55 19.73
CA THR B 28 19.53 -16.35 20.55
C THR B 28 19.81 -15.12 19.70
N VAL B 29 19.07 -14.05 19.97
CA VAL B 29 19.38 -12.71 19.47
C VAL B 29 19.81 -11.87 20.65
N TYR B 30 21.00 -11.26 20.56
CA TYR B 30 21.48 -10.47 21.68
C TYR B 30 20.75 -9.14 21.73
N ASN B 31 20.69 -8.56 22.93
CA ASN B 31 19.71 -7.50 23.20
C ASN B 31 19.89 -6.28 22.30
N SER B 32 21.14 -5.93 21.95
CA SER B 32 21.35 -4.75 21.12
C SER B 32 20.74 -4.86 19.74
N TYR B 33 20.39 -6.06 19.29
CA TYR B 33 20.18 -6.33 17.87
C TYR B 33 18.74 -6.61 17.48
N LEU B 34 17.80 -6.55 18.41
N LEU B 34 17.78 -6.49 18.40
CA LEU B 34 16.39 -6.78 18.11
CA LEU B 34 16.37 -6.78 18.15
C LEU B 34 15.66 -5.44 18.01
C LEU B 34 15.62 -5.46 18.04
N ALA B 35 14.92 -5.25 16.93
CA ALA B 35 14.18 -4.02 16.70
C ALA B 35 12.75 -4.32 16.27
N TRP B 36 11.89 -3.32 16.43
CA TRP B 36 10.49 -3.39 16.02
C TRP B 36 10.13 -2.19 15.16
N TYR B 37 9.28 -2.42 14.15
CA TYR B 37 8.81 -1.39 13.23
C TYR B 37 7.29 -1.43 13.15
N GLN B 38 6.71 -0.27 12.84
CA GLN B 38 5.29 -0.14 12.53
C GLN B 38 5.17 0.22 11.06
N GLN B 39 4.29 -0.46 10.33
CA GLN B 39 4.09 -0.13 8.92
C GLN B 39 2.61 0.10 8.64
N LYS B 40 2.27 1.31 8.29
CA LYS B 40 0.91 1.67 7.91
C LYS B 40 0.75 1.50 6.40
N PRO B 41 -0.46 1.26 5.92
CA PRO B 41 -0.64 0.97 4.49
C PRO B 41 -0.05 2.05 3.60
N GLY B 42 0.65 1.62 2.55
CA GLY B 42 1.21 2.54 1.58
C GLY B 42 2.48 3.25 2.00
N GLN B 43 2.96 3.00 3.22
CA GLN B 43 4.13 3.68 3.76
C GLN B 43 5.27 2.70 4.00
N ALA B 44 6.49 3.24 4.02
CA ALA B 44 7.60 2.47 4.53
C ALA B 44 7.42 2.18 6.02
N PRO B 45 8.01 1.10 6.53
CA PRO B 45 8.05 0.91 7.98
C PRO B 45 8.74 2.09 8.65
N THR B 46 8.35 2.34 9.90
CA THR B 46 9.07 3.27 10.76
C THR B 46 9.57 2.56 12.01
N LEU B 47 10.75 2.95 12.46
CA LEU B 47 11.32 2.32 13.64
C LEU B 47 10.52 2.69 14.89
N LEU B 48 10.18 1.68 15.68
CA LEU B 48 9.42 1.85 16.91
C LEU B 48 10.29 1.63 18.15
N ILE B 49 11.03 0.52 18.17
CA ILE B 49 11.86 0.11 19.29
C ILE B 49 13.17 -0.38 18.70
N TYR B 50 14.27 -0.13 19.39
CA TYR B 50 15.53 -0.74 18.99
C TYR B 50 16.27 -1.22 20.23
N GLY B 51 17.26 -2.09 20.03
CA GLY B 51 17.96 -2.60 21.20
C GLY B 51 17.03 -3.28 22.17
N THR B 52 16.02 -3.98 21.65
CA THR B 52 14.99 -4.73 22.40
C THR B 52 14.00 -3.84 23.14
N SER B 53 14.47 -2.80 23.81
CA SER B 53 13.60 -2.09 24.75
C SER B 53 13.70 -0.58 24.67
N THR B 54 14.51 -0.01 23.77
CA THR B 54 14.66 1.44 23.74
C THR B 54 13.66 2.03 22.75
N ARG B 55 12.82 2.95 23.25
CA ARG B 55 11.85 3.60 22.37
C ARG B 55 12.58 4.52 21.42
N ALA B 56 12.27 4.41 20.13
CA ALA B 56 12.85 5.33 19.16
C ALA B 56 12.37 6.75 19.42
N THR B 57 13.18 7.70 18.99
CA THR B 57 12.86 9.11 19.14
C THR B 57 11.44 9.42 18.65
N GLY B 58 10.68 10.14 19.48
CA GLY B 58 9.34 10.59 19.13
C GLY B 58 8.21 9.57 19.29
N VAL B 59 8.52 8.32 19.62
CA VAL B 59 7.49 7.28 19.69
C VAL B 59 6.64 7.47 20.94
N PRO B 60 5.31 7.35 20.85
CA PRO B 60 4.46 7.51 22.05
C PRO B 60 4.84 6.52 23.14
N ASP B 61 4.62 6.94 24.38
CA ASP B 61 4.95 6.08 25.51
C ASP B 61 4.11 4.82 25.56
N ARG B 62 3.00 4.75 24.81
CA ARG B 62 2.19 3.54 24.87
C ARG B 62 2.88 2.34 24.25
N PHE B 63 3.99 2.53 23.51
CA PHE B 63 4.74 1.46 22.88
C PHE B 63 5.92 1.09 23.76
N SER B 64 6.09 -0.21 24.02
CA SER B 64 7.26 -0.65 24.78
C SER B 64 7.68 -2.04 24.30
N GLY B 65 8.98 -2.29 24.35
CA GLY B 65 9.54 -3.57 23.96
C GLY B 65 10.22 -4.23 25.14
N SER B 66 10.18 -5.57 25.16
CA SER B 66 10.79 -6.31 26.25
C SER B 66 11.19 -7.70 25.76
N GLY B 67 11.74 -8.49 26.65
CA GLY B 67 12.14 -9.85 26.34
C GLY B 67 13.66 -10.00 26.25
N SER B 68 14.06 -11.21 25.87
CA SER B 68 15.48 -11.56 25.80
C SER B 68 15.59 -12.97 25.26
N GLY B 69 16.79 -13.33 24.80
CA GLY B 69 17.07 -14.69 24.38
C GLY B 69 16.43 -15.02 23.05
N THR B 70 15.31 -15.76 23.08
CA THR B 70 14.59 -16.11 21.86
C THR B 70 13.14 -15.65 21.83
N VAL B 71 12.65 -14.95 22.86
CA VAL B 71 11.26 -14.50 22.91
C VAL B 71 11.24 -13.03 23.26
N PHE B 72 10.69 -12.23 22.36
CA PHE B 72 10.61 -10.78 22.47
C PHE B 72 9.17 -10.33 22.33
N THR B 73 8.82 -9.22 22.99
N THR B 73 8.83 -9.24 23.00
CA THR B 73 7.43 -8.78 23.07
CA THR B 73 7.46 -8.76 23.04
C THR B 73 7.33 -7.28 22.84
C THR B 73 7.41 -7.27 22.72
N LEU B 74 6.37 -6.88 22.01
CA LEU B 74 6.01 -5.48 21.82
C LEU B 74 4.64 -5.29 22.45
N THR B 75 4.50 -4.30 23.32
CA THR B 75 3.23 -4.03 24.00
C THR B 75 2.74 -2.66 23.61
N ILE B 76 1.45 -2.56 23.30
CA ILE B 76 0.77 -1.27 23.17
C ILE B 76 -0.14 -1.18 24.37
N SER B 77 0.14 -0.22 25.27
CA SER B 77 -0.53 -0.23 26.56
C SER B 77 -2.03 0.00 26.41
N ARG B 78 -2.40 0.95 25.54
CA ARG B 78 -3.79 1.31 25.27
C ARG B 78 -3.87 1.61 23.78
N LEU B 79 -4.56 0.75 23.05
CA LEU B 79 -4.64 0.86 21.60
C LEU B 79 -5.40 2.11 21.18
N GLU B 80 -4.92 2.76 20.11
CA GLU B 80 -5.60 3.90 19.51
C GLU B 80 -5.95 3.57 18.07
N PRO B 81 -7.00 4.19 17.50
CA PRO B 81 -7.36 3.86 16.11
C PRO B 81 -6.22 4.05 15.12
N GLU B 82 -5.38 5.07 15.32
CA GLU B 82 -4.30 5.29 14.37
C GLU B 82 -3.24 4.21 14.43
N ASP B 83 -3.30 3.31 15.40
CA ASP B 83 -2.31 2.24 15.51
C ASP B 83 -2.58 1.09 14.55
N PHE B 84 -3.66 1.13 13.77
CA PHE B 84 -3.85 0.16 12.71
C PHE B 84 -2.61 0.09 11.82
N ALA B 85 -2.01 -1.09 11.73
CA ALA B 85 -0.72 -1.24 11.07
C ALA B 85 -0.31 -2.69 11.15
N VAL B 86 0.74 -3.03 10.41
CA VAL B 86 1.45 -4.29 10.57
C VAL B 86 2.72 -3.99 11.36
N TYR B 87 2.99 -4.78 12.40
CA TYR B 87 4.16 -4.61 13.25
C TYR B 87 5.14 -5.73 12.99
N PHE B 88 6.42 -5.37 12.79
CA PHE B 88 7.46 -6.32 12.41
C PHE B 88 8.56 -6.30 13.45
N CYS B 89 9.09 -7.48 13.79
CA CYS B 89 10.37 -7.50 14.48
C CYS B 89 11.50 -7.75 13.49
N GLN B 90 12.71 -7.44 13.93
N GLN B 90 12.73 -7.48 13.93
CA GLN B 90 13.90 -7.54 13.11
CA GLN B 90 13.88 -7.56 13.05
C GLN B 90 15.06 -7.97 13.99
C GLN B 90 15.12 -7.84 13.89
N GLN B 91 15.99 -8.73 13.41
CA GLN B 91 17.24 -9.04 14.08
C GLN B 91 18.39 -8.78 13.12
N TYR B 92 19.53 -8.34 13.67
CA TYR B 92 20.79 -8.29 12.94
C TYR B 92 21.78 -9.21 13.62
N SER B 93 22.48 -10.01 12.83
CA SER B 93 23.53 -10.90 13.30
C SER B 93 24.84 -10.43 12.70
N THR B 94 25.88 -10.31 13.53
CA THR B 94 27.17 -9.83 13.05
C THR B 94 28.03 -10.93 12.46
N SER B 95 27.78 -12.18 12.80
CA SER B 95 28.63 -13.25 12.31
C SER B 95 27.91 -14.60 12.26
N PRO B 96 27.56 -15.09 11.07
CA PRO B 96 27.71 -14.39 9.79
C PRO B 96 26.81 -13.15 9.69
N ARG B 97 27.17 -12.21 8.82
CA ARG B 97 26.44 -10.95 8.65
C ARG B 97 25.07 -11.21 8.03
N ALA B 98 24.01 -11.04 8.83
CA ALA B 98 22.68 -11.39 8.34
C ALA B 98 21.64 -10.51 9.01
N LEU B 99 20.55 -10.25 8.27
N LEU B 99 20.57 -10.23 8.26
CA LEU B 99 19.51 -9.36 8.75
CA LEU B 99 19.50 -9.35 8.73
C LEU B 99 18.17 -9.92 8.30
C LEU B 99 18.18 -9.92 8.29
N THR B 100 17.32 -10.28 9.24
CA THR B 100 16.02 -10.87 8.92
C THR B 100 14.89 -10.19 9.70
N PHE B 101 13.70 -10.38 9.15
CA PHE B 101 12.48 -9.79 9.69
C PHE B 101 11.50 -10.90 10.00
N GLY B 102 10.67 -10.68 11.01
CA GLY B 102 9.51 -11.52 11.22
C GLY B 102 8.47 -11.27 10.13
N GLY B 103 7.45 -12.12 10.12
CA GLY B 103 6.42 -12.01 9.10
C GLY B 103 5.37 -10.97 9.35
N GLY B 104 5.37 -10.35 10.51
CA GLY B 104 4.45 -9.28 10.83
C GLY B 104 3.22 -9.77 11.58
N THR B 105 2.70 -8.90 12.44
CA THR B 105 1.37 -9.06 13.04
C THR B 105 0.54 -7.86 12.63
N LYS B 106 -0.62 -8.12 12.02
CA LYS B 106 -1.53 -7.05 11.63
C LYS B 106 -2.49 -6.78 12.78
N VAL B 107 -2.45 -5.55 13.31
CA VAL B 107 -3.34 -5.12 14.36
C VAL B 107 -4.50 -4.38 13.71
N GLU B 108 -5.68 -4.99 13.74
CA GLU B 108 -6.92 -4.42 13.21
C GLU B 108 -7.73 -3.83 14.37
N ILE B 109 -8.51 -2.82 14.06
CA ILE B 109 -9.22 -2.06 15.08
C ILE B 109 -10.68 -2.52 15.12
N LYS B 110 -11.13 -2.95 16.29
CA LYS B 110 -12.52 -3.35 16.49
C LYS B 110 -13.33 -2.11 16.83
N ARG B 111 -14.38 -1.87 16.07
CA ARG B 111 -15.27 -0.73 16.30
C ARG B 111 -16.72 -1.20 16.21
N THR B 112 -17.64 -0.27 16.49
CA THR B 112 -19.05 -0.61 16.40
C THR B 112 -19.43 -0.91 14.94
N VAL B 113 -20.48 -1.72 14.78
CA VAL B 113 -20.99 -1.98 13.45
C VAL B 113 -21.40 -0.67 12.79
N ALA B 114 -21.07 -0.54 11.51
CA ALA B 114 -21.40 0.64 10.72
C ALA B 114 -21.97 0.20 9.39
N ALA B 115 -23.18 0.68 9.07
CA ALA B 115 -23.77 0.29 7.80
C ALA B 115 -23.12 1.07 6.65
N PRO B 116 -22.99 0.47 5.47
CA PRO B 116 -22.45 1.20 4.33
C PRO B 116 -23.47 2.15 3.74
N SER B 117 -22.95 3.23 3.15
N SER B 117 -22.96 3.26 3.22
CA SER B 117 -23.73 4.09 2.26
CA SER B 117 -23.70 4.05 2.25
C SER B 117 -23.39 3.73 0.82
C SER B 117 -23.39 3.51 0.87
N VAL B 118 -24.40 3.44 0.02
CA VAL B 118 -24.27 2.79 -1.27
C VAL B 118 -24.54 3.78 -2.40
N PHE B 119 -23.74 3.71 -3.45
CA PHE B 119 -23.89 4.57 -4.62
C PHE B 119 -23.67 3.72 -5.86
N ILE B 120 -24.44 4.00 -6.92
CA ILE B 120 -24.26 3.31 -8.19
C ILE B 120 -23.90 4.33 -9.26
N PHE B 121 -22.96 3.95 -10.13
CA PHE B 121 -22.48 4.82 -11.21
C PHE B 121 -22.70 4.16 -12.56
N PRO B 122 -23.44 4.78 -13.47
CA PRO B 122 -23.54 4.27 -14.85
C PRO B 122 -22.22 4.38 -15.58
N PRO B 123 -22.04 3.62 -16.68
CA PRO B 123 -20.89 3.87 -17.54
C PRO B 123 -20.94 5.27 -18.10
N SER B 124 -19.76 5.86 -18.29
CA SER B 124 -19.70 7.17 -18.93
C SER B 124 -19.95 7.04 -20.43
N ASP B 125 -20.50 8.11 -21.02
CA ASP B 125 -20.66 8.13 -22.47
C ASP B 125 -19.30 7.97 -23.17
N GLU B 126 -18.25 8.53 -22.58
CA GLU B 126 -16.91 8.41 -23.18
C GLU B 126 -16.50 6.95 -23.31
N GLN B 127 -16.69 6.17 -22.24
CA GLN B 127 -16.29 4.76 -22.30
C GLN B 127 -17.10 4.00 -23.33
N LEU B 128 -18.41 4.28 -23.40
CA LEU B 128 -19.27 3.54 -24.32
C LEU B 128 -18.79 3.66 -25.75
N LYS B 129 -18.30 4.84 -26.14
CA LYS B 129 -17.74 5.00 -27.48
C LYS B 129 -16.66 3.98 -27.78
N SER B 130 -16.09 3.34 -26.76
CA SER B 130 -14.97 2.43 -26.90
C SER B 130 -15.35 0.96 -26.93
N GLY B 131 -16.63 0.62 -26.72
CA GLY B 131 -17.10 -0.74 -26.88
C GLY B 131 -17.34 -1.52 -25.60
N THR B 132 -16.97 -0.97 -24.45
CA THR B 132 -17.15 -1.64 -23.18
C THR B 132 -17.91 -0.72 -22.22
N ALA B 133 -18.67 -1.34 -21.31
CA ALA B 133 -19.44 -0.60 -20.32
C ALA B 133 -19.05 -1.11 -18.94
N SER B 134 -18.53 -0.22 -18.09
CA SER B 134 -18.23 -0.54 -16.71
C SER B 134 -19.26 0.14 -15.82
N VAL B 135 -19.96 -0.66 -15.01
CA VAL B 135 -20.93 -0.13 -14.03
C VAL B 135 -20.32 -0.33 -12.65
N VAL B 136 -20.33 0.71 -11.82
CA VAL B 136 -19.59 0.67 -10.56
C VAL B 136 -20.55 0.86 -9.39
N CYS B 137 -20.35 0.05 -8.35
CA CYS B 137 -21.09 0.14 -7.10
C CYS B 137 -20.12 0.40 -5.96
N LEU B 138 -20.41 1.43 -5.17
CA LEU B 138 -19.57 1.85 -4.05
C LEU B 138 -20.30 1.57 -2.75
N LEU B 139 -19.63 0.88 -1.83
CA LEU B 139 -20.09 0.68 -0.46
C LEU B 139 -19.13 1.46 0.42
N ASN B 140 -19.62 2.53 1.04
CA ASN B 140 -18.73 3.49 1.69
C ASN B 140 -18.81 3.39 3.21
N ASN B 141 -17.64 3.25 3.85
CA ASN B 141 -17.44 3.47 5.29
C ASN B 141 -18.29 2.54 6.14
N PHE B 142 -18.00 1.25 6.06
CA PHE B 142 -18.76 0.24 6.79
C PHE B 142 -17.86 -0.61 7.67
N TYR B 143 -18.47 -1.33 8.60
CA TYR B 143 -17.76 -2.23 9.50
C TYR B 143 -18.75 -3.24 10.03
N PRO B 144 -18.43 -4.53 10.08
CA PRO B 144 -17.15 -5.15 9.71
C PRO B 144 -16.99 -5.35 8.20
N ARG B 145 -15.90 -6.02 7.82
CA ARG B 145 -15.50 -6.07 6.43
C ARG B 145 -16.44 -6.93 5.58
N GLU B 146 -17.09 -7.92 6.18
CA GLU B 146 -17.96 -8.81 5.43
C GLU B 146 -19.13 -8.03 4.83
N ALA B 147 -19.31 -8.17 3.52
CA ALA B 147 -20.38 -7.52 2.79
C ALA B 147 -20.65 -8.33 1.53
N LYS B 148 -21.91 -8.31 1.10
CA LYS B 148 -22.33 -9.02 -0.10
C LYS B 148 -22.85 -8.02 -1.12
N VAL B 149 -22.32 -8.08 -2.33
CA VAL B 149 -22.78 -7.27 -3.45
C VAL B 149 -23.39 -8.21 -4.49
N GLN B 150 -24.62 -7.93 -4.90
CA GLN B 150 -25.31 -8.65 -5.96
C GLN B 150 -25.69 -7.68 -7.06
N TRP B 151 -25.25 -7.98 -8.28
CA TRP B 151 -25.63 -7.19 -9.45
C TRP B 151 -26.84 -7.82 -10.15
N LYS B 152 -27.81 -6.98 -10.52
CA LYS B 152 -28.94 -7.43 -11.31
C LYS B 152 -29.10 -6.54 -12.53
N VAL B 153 -29.39 -7.16 -13.67
CA VAL B 153 -29.62 -6.46 -14.92
C VAL B 153 -30.99 -6.89 -15.43
N ASP B 154 -31.90 -5.94 -15.53
CA ASP B 154 -33.30 -6.26 -15.81
C ASP B 154 -33.79 -7.36 -14.88
N ASN B 155 -33.35 -7.30 -13.62
CA ASN B 155 -33.74 -8.20 -12.54
C ASN B 155 -33.18 -9.61 -12.70
N ALA B 156 -32.22 -9.81 -13.60
CA ALA B 156 -31.52 -11.08 -13.70
C ALA B 156 -30.23 -10.99 -12.89
N LEU B 157 -30.06 -11.90 -11.92
CA LEU B 157 -28.85 -11.91 -11.12
C LEU B 157 -27.64 -12.21 -12.01
N GLN B 158 -26.59 -11.40 -11.86
CA GLN B 158 -25.38 -11.55 -12.65
C GLN B 158 -24.37 -12.41 -11.91
N SER B 159 -23.58 -13.17 -12.67
CA SER B 159 -22.50 -13.94 -12.08
C SER B 159 -21.33 -14.02 -13.06
N GLY B 160 -20.12 -13.90 -12.53
CA GLY B 160 -18.93 -14.12 -13.32
C GLY B 160 -18.43 -12.91 -14.07
N ASN B 161 -19.13 -11.77 -14.00
CA ASN B 161 -18.77 -10.60 -14.79
C ASN B 161 -18.52 -9.37 -13.94
N SER B 162 -18.18 -9.55 -12.66
CA SER B 162 -17.84 -8.44 -11.79
C SER B 162 -16.54 -8.75 -11.05
N GLN B 163 -15.88 -7.67 -10.62
CA GLN B 163 -14.71 -7.78 -9.75
C GLN B 163 -14.85 -6.73 -8.66
N GLU B 164 -14.31 -7.02 -7.49
CA GLU B 164 -14.42 -6.06 -6.40
C GLU B 164 -13.09 -5.96 -5.65
N SER B 165 -12.90 -4.83 -4.97
CA SER B 165 -11.79 -4.73 -4.05
C SER B 165 -12.18 -3.83 -2.89
N VAL B 166 -11.37 -3.90 -1.84
N VAL B 166 -11.42 -3.94 -1.81
CA VAL B 166 -11.69 -3.32 -0.54
CA VAL B 166 -11.75 -3.25 -0.57
C VAL B 166 -10.48 -2.51 -0.06
C VAL B 166 -10.52 -2.50 -0.08
N THR B 167 -10.74 -1.34 0.50
CA THR B 167 -9.67 -0.56 1.10
C THR B 167 -9.23 -1.19 2.43
N GLU B 168 -8.03 -0.80 2.85
CA GLU B 168 -7.62 -1.11 4.21
C GLU B 168 -8.42 -0.25 5.19
N GLN B 169 -8.44 -0.70 6.44
CA GLN B 169 -9.16 0.02 7.49
C GLN B 169 -8.71 1.48 7.57
N ASP B 170 -9.68 2.39 7.65
CA ASP B 170 -9.38 3.81 7.74
C ASP B 170 -8.70 4.12 9.07
N SER B 171 -7.64 4.93 9.03
N SER B 171 -7.63 4.93 9.00
CA SER B 171 -6.87 5.20 10.22
CA SER B 171 -6.86 5.25 10.20
C SER B 171 -7.58 6.15 11.18
C SER B 171 -7.65 6.06 11.21
N LYS B 172 -8.69 6.76 10.77
CA LYS B 172 -9.47 7.63 11.65
C LYS B 172 -10.76 6.98 12.12
N ASP B 173 -11.62 6.53 11.20
CA ASP B 173 -12.90 6.00 11.63
C ASP B 173 -12.95 4.48 11.57
N SER B 174 -11.85 3.84 11.21
CA SER B 174 -11.70 2.39 11.30
C SER B 174 -12.68 1.63 10.42
N THR B 175 -13.22 2.26 9.37
CA THR B 175 -14.12 1.56 8.47
C THR B 175 -13.41 1.05 7.23
N TYR B 176 -14.15 0.26 6.45
CA TYR B 176 -13.77 -0.21 5.13
C TYR B 176 -14.66 0.43 4.08
N SER B 177 -14.16 0.48 2.85
CA SER B 177 -15.00 0.77 1.70
C SER B 177 -14.73 -0.29 0.63
N LEU B 178 -15.72 -0.49 -0.23
CA LEU B 178 -15.63 -1.54 -1.24
C LEU B 178 -16.14 -1.00 -2.56
N SER B 179 -15.47 -1.36 -3.64
N SER B 179 -15.45 -1.36 -3.63
CA SER B 179 -15.89 -0.96 -4.98
CA SER B 179 -15.82 -0.98 -4.99
C SER B 179 -16.04 -2.21 -5.83
C SER B 179 -16.05 -2.25 -5.80
N SER B 180 -17.19 -2.34 -6.47
CA SER B 180 -17.47 -3.47 -7.36
C SER B 180 -17.75 -2.94 -8.76
N THR B 181 -17.12 -3.56 -9.75
CA THR B 181 -17.28 -3.18 -11.16
C THR B 181 -17.95 -4.33 -11.90
N LEU B 182 -19.09 -4.04 -12.50
CA LEU B 182 -19.74 -4.93 -13.45
C LEU B 182 -19.30 -4.54 -14.85
N THR B 183 -18.72 -5.48 -15.59
CA THR B 183 -18.20 -5.21 -16.93
C THR B 183 -19.03 -5.92 -17.98
N LEU B 184 -19.63 -5.15 -18.88
CA LEU B 184 -20.44 -5.68 -19.96
C LEU B 184 -19.91 -5.16 -21.29
N SER B 185 -20.18 -5.90 -22.36
CA SER B 185 -20.00 -5.34 -23.69
C SER B 185 -20.98 -4.19 -23.89
N LYS B 186 -20.61 -3.27 -24.79
CA LYS B 186 -21.55 -2.18 -25.09
C LYS B 186 -22.87 -2.73 -25.62
N ALA B 187 -22.81 -3.77 -26.45
CA ALA B 187 -24.03 -4.35 -27.01
C ALA B 187 -24.96 -4.83 -25.90
N ASP B 188 -24.42 -5.58 -24.94
CA ASP B 188 -25.24 -6.08 -23.84
C ASP B 188 -25.78 -4.93 -22.99
N TYR B 189 -24.93 -3.96 -22.65
CA TYR B 189 -25.41 -2.83 -21.85
C TYR B 189 -26.58 -2.13 -22.54
N GLU B 190 -26.52 -2.01 -23.87
CA GLU B 190 -27.58 -1.36 -24.62
C GLU B 190 -28.82 -2.23 -24.80
N LYS B 191 -28.70 -3.54 -24.53
CA LYS B 191 -29.85 -4.44 -24.62
C LYS B 191 -30.78 -4.34 -23.41
N HIS B 192 -30.31 -3.77 -22.31
CA HIS B 192 -31.03 -3.83 -21.04
C HIS B 192 -31.20 -2.42 -20.49
N LYS B 193 -32.11 -2.30 -19.52
CA LYS B 193 -32.54 -0.99 -19.03
C LYS B 193 -32.23 -0.78 -17.55
N VAL B 194 -32.67 -1.67 -16.66
CA VAL B 194 -32.52 -1.45 -15.22
C VAL B 194 -31.25 -2.12 -14.74
N TYR B 195 -30.41 -1.33 -14.08
CA TYR B 195 -29.14 -1.80 -13.52
C TYR B 195 -29.15 -1.56 -12.03
N ALA B 196 -28.88 -2.60 -11.24
CA ALA B 196 -29.08 -2.52 -9.81
C ALA B 196 -27.94 -3.21 -9.06
N CYS B 197 -27.51 -2.55 -7.99
CA CYS B 197 -26.54 -3.09 -7.03
C CYS B 197 -27.27 -3.29 -5.70
N GLU B 198 -27.35 -4.54 -5.24
CA GLU B 198 -28.03 -4.88 -4.00
C GLU B 198 -27.01 -5.30 -2.94
N VAL B 199 -27.05 -4.64 -1.79
CA VAL B 199 -26.01 -4.74 -0.78
C VAL B 199 -26.59 -5.33 0.50
N THR B 200 -25.94 -6.38 1.00
CA THR B 200 -26.30 -7.03 2.26
C THR B 200 -25.14 -6.83 3.22
N HIS B 201 -25.45 -6.39 4.44
CA HIS B 201 -24.43 -6.12 5.44
C HIS B 201 -25.04 -6.20 6.83
N GLN B 202 -24.23 -6.61 7.80
CA GLN B 202 -24.70 -6.78 9.17
C GLN B 202 -25.36 -5.50 9.72
N GLY B 203 -24.90 -4.35 9.27
CA GLY B 203 -25.42 -3.09 9.77
C GLY B 203 -26.70 -2.62 9.12
N LEU B 204 -27.19 -3.33 8.11
CA LEU B 204 -28.41 -2.98 7.41
C LEU B 204 -29.55 -3.87 7.85
N SER B 205 -30.64 -3.26 8.33
CA SER B 205 -31.79 -4.03 8.78
C SER B 205 -32.33 -4.93 7.67
N SER B 206 -32.25 -4.48 6.43
CA SER B 206 -32.55 -5.30 5.26
C SER B 206 -31.71 -4.78 4.11
N PRO B 207 -31.57 -5.55 3.03
CA PRO B 207 -30.64 -5.16 1.97
C PRO B 207 -31.02 -3.82 1.36
N VAL B 208 -29.99 -3.10 0.91
CA VAL B 208 -30.14 -1.82 0.25
C VAL B 208 -29.88 -2.02 -1.24
N THR B 209 -30.78 -1.52 -2.08
CA THR B 209 -30.58 -1.58 -3.52
C THR B 209 -30.51 -0.18 -4.09
N LYS B 210 -29.45 0.08 -4.86
CA LYS B 210 -29.34 1.30 -5.66
C LYS B 210 -29.39 0.91 -7.12
N SER B 211 -30.14 1.67 -7.92
CA SER B 211 -30.29 1.32 -9.32
C SER B 211 -30.41 2.57 -10.16
N PHE B 212 -30.26 2.39 -11.47
CA PHE B 212 -30.57 3.41 -12.45
C PHE B 212 -31.18 2.74 -13.67
N ASN B 213 -31.83 3.54 -14.50
CA ASN B 213 -32.35 3.11 -15.80
C ASN B 213 -31.47 3.71 -16.90
N ARG B 214 -30.94 2.85 -17.76
CA ARG B 214 -30.10 3.33 -18.85
C ARG B 214 -30.85 4.36 -19.67
N GLY B 215 -30.22 5.51 -19.90
CA GLY B 215 -30.83 6.60 -20.65
C GLY B 215 -31.70 7.52 -19.83
N GLU B 216 -31.90 7.25 -18.56
CA GLU B 216 -32.70 8.11 -17.69
C GLU B 216 -31.91 8.51 -16.45
#